data_3BPJ
#
_entry.id   3BPJ
#
_cell.length_a   60.902
_cell.length_b   62.373
_cell.length_c   88.056
_cell.angle_alpha   90.000
_cell.angle_beta   90.000
_cell.angle_gamma   90.000
#
_symmetry.space_group_name_H-M   'P 21 21 21'
#
loop_
_entity.id
_entity.type
_entity.pdbx_description
1 polymer 'Eukaryotic translation initiation factor 3 subunit J'
2 non-polymer 'UNKNOWN ATOM OR ION'
3 water water
#
_entity_poly.entity_id   1
_entity_poly.type   'polypeptide(L)'
_entity_poly.pdbx_seq_one_letter_code
;AVYGIDAMNPSSRDDFTEFGKLLKDKITQYEKSLYYASFLEVLVRDVCISLEIDDLKKITNSLTVLCSEKQKQEKQSKAK
;
_entity_poly.pdbx_strand_id   A,B,C,D
#
# COMPACT_ATOMS: atom_id res chain seq x y z
N GLY A 4 -1.27 -20.11 -17.37
CA GLY A 4 -2.69 -19.72 -17.41
C GLY A 4 -2.88 -18.24 -17.10
N ILE A 5 -2.49 -17.81 -15.91
CA ILE A 5 -2.87 -16.47 -15.40
C ILE A 5 -2.22 -15.35 -16.19
N ASP A 6 -0.91 -15.43 -16.37
CA ASP A 6 -0.18 -14.32 -16.97
C ASP A 6 -0.68 -13.97 -18.37
N ALA A 7 -1.08 -14.99 -19.12
CA ALA A 7 -1.49 -14.81 -20.51
C ALA A 7 -2.97 -14.47 -20.66
N MET A 8 -3.78 -14.87 -19.70
CA MET A 8 -5.22 -14.76 -19.81
C MET A 8 -5.66 -13.30 -20.00
N ASN A 9 -6.66 -13.08 -20.87
CA ASN A 9 -7.17 -11.71 -21.13
C ASN A 9 -8.70 -11.71 -21.13
N PRO A 10 -9.31 -11.69 -19.92
CA PRO A 10 -10.73 -11.95 -19.79
C PRO A 10 -11.57 -10.77 -20.26
N SER A 11 -12.69 -11.07 -20.93
CA SER A 11 -13.69 -10.07 -21.21
C SER A 11 -15.13 -10.54 -20.93
N SER A 12 -15.46 -11.80 -21.22
CA SER A 12 -16.82 -12.31 -20.98
C SER A 12 -17.01 -12.71 -19.51
N ARG A 13 -18.25 -13.00 -19.16
CA ARG A 13 -18.60 -13.45 -17.81
C ARG A 13 -17.84 -14.74 -17.52
N ASP A 14 -17.88 -15.68 -18.45
CA ASP A 14 -17.19 -16.93 -18.24
C ASP A 14 -15.68 -16.78 -18.13
N ASP A 15 -15.08 -15.83 -18.87
CA ASP A 15 -13.65 -15.53 -18.79
C ASP A 15 -13.31 -15.10 -17.36
N PHE A 16 -14.10 -14.21 -16.79
CA PHE A 16 -13.86 -13.76 -15.44
C PHE A 16 -13.98 -14.85 -14.38
N THR A 17 -14.95 -15.72 -14.56
CA THR A 17 -15.12 -16.89 -13.70
C THR A 17 -13.86 -17.72 -13.73
N GLU A 18 -13.36 -18.00 -14.93
CA GLU A 18 -12.12 -18.77 -15.11
C GLU A 18 -10.92 -18.03 -14.52
N PHE A 19 -10.77 -16.76 -14.84
CA PHE A 19 -9.69 -15.91 -14.32
C PHE A 19 -9.64 -15.97 -12.75
N GLY A 20 -10.80 -15.80 -12.12
CA GLY A 20 -10.96 -15.89 -10.67
C GLY A 20 -10.64 -17.25 -10.11
N LYS A 21 -11.03 -18.32 -10.82
CA LYS A 21 -10.72 -19.69 -10.37
C LYS A 21 -9.21 -19.99 -10.39
N LEU A 22 -8.53 -19.61 -11.48
CA LEU A 22 -7.07 -19.75 -11.56
C LEU A 22 -6.36 -18.93 -10.49
N LEU A 23 -6.81 -17.71 -10.30
CA LEU A 23 -6.24 -16.82 -9.29
C LEU A 23 -6.46 -17.40 -7.88
N LYS A 24 -7.67 -17.88 -7.62
CA LYS A 24 -7.98 -18.57 -6.35
C LYS A 24 -7.03 -19.75 -6.13
N ASP A 25 -6.95 -20.63 -7.13
CA ASP A 25 -6.07 -21.79 -7.04
C ASP A 25 -4.60 -21.42 -6.76
N LYS A 26 -4.10 -20.35 -7.37
CA LYS A 26 -2.70 -19.94 -7.22
C LYS A 26 -2.45 -19.34 -5.86
N ILE A 27 -3.24 -18.34 -5.54
CA ILE A 27 -3.09 -17.60 -4.31
C ILE A 27 -3.24 -18.50 -3.06
N THR A 28 -4.27 -19.34 -3.06
CA THR A 28 -4.65 -20.06 -1.87
C THR A 28 -3.70 -21.22 -1.52
N GLN A 29 -2.78 -21.54 -2.44
CA GLN A 29 -1.65 -22.42 -2.17
C GLN A 29 -0.81 -21.96 -0.98
N TYR A 30 -0.81 -20.66 -0.72
CA TYR A 30 0.01 -20.06 0.26
C TYR A 30 -0.76 -19.72 1.54
N GLU A 31 -1.90 -20.36 1.75
CA GLU A 31 -2.81 -19.99 2.83
C GLU A 31 -2.26 -20.21 4.22
N LYS A 32 -1.28 -21.10 4.37
CA LYS A 32 -0.65 -21.33 5.67
C LYS A 32 0.69 -20.58 5.87
N SER A 33 1.12 -19.81 4.87
CA SER A 33 2.30 -18.99 5.05
C SER A 33 2.09 -18.00 6.19
N LEU A 34 3.14 -17.78 6.98
CA LEU A 34 3.13 -16.79 8.06
C LEU A 34 2.80 -15.40 7.50
N TYR A 35 3.08 -15.19 6.21
CA TYR A 35 2.81 -13.88 5.54
C TYR A 35 1.49 -13.75 4.81
N TYR A 36 0.70 -14.80 4.76
CA TYR A 36 -0.49 -14.80 3.94
C TYR A 36 -1.50 -13.68 4.30
N ALA A 37 -1.81 -13.53 5.57
CA ALA A 37 -2.80 -12.49 6.01
C ALA A 37 -2.33 -11.06 5.73
N SER A 38 -1.07 -10.76 6.04
CA SER A 38 -0.52 -9.41 5.75
C SER A 38 -0.45 -9.17 4.23
N PHE A 39 -0.05 -10.19 3.48
CA PHE A 39 -0.14 -10.20 1.99
C PHE A 39 -1.54 -9.89 1.45
N LEU A 40 -2.54 -10.57 1.99
CA LEU A 40 -3.91 -10.34 1.56
C LEU A 40 -4.41 -8.99 1.93
N GLU A 41 -4.04 -8.51 3.09
CA GLU A 41 -4.53 -7.19 3.52
C GLU A 41 -4.10 -6.15 2.48
N VAL A 42 -2.84 -6.22 2.06
CA VAL A 42 -2.35 -5.30 1.04
C VAL A 42 -3.05 -5.49 -0.31
N LEU A 43 -3.13 -6.73 -0.77
CA LEU A 43 -3.67 -7.05 -2.08
C LEU A 43 -5.16 -6.71 -2.26
N VAL A 44 -5.99 -7.10 -1.27
CA VAL A 44 -7.44 -6.90 -1.29
C VAL A 44 -7.76 -5.43 -1.37
N ARG A 45 -7.18 -4.64 -0.49
CA ARG A 45 -7.40 -3.22 -0.59
C ARG A 45 -6.97 -2.74 -1.96
N ASP A 46 -5.79 -3.14 -2.41
CA ASP A 46 -5.28 -2.64 -3.65
C ASP A 46 -6.20 -2.93 -4.83
N VAL A 47 -6.71 -4.16 -4.94
CA VAL A 47 -7.54 -4.49 -6.09
C VAL A 47 -8.94 -3.86 -6.01
N CYS A 48 -9.38 -3.52 -4.80
CA CYS A 48 -10.70 -2.91 -4.59
C CYS A 48 -10.71 -1.38 -4.68
N ILE A 49 -9.55 -0.73 -4.76
CA ILE A 49 -9.55 0.76 -4.59
C ILE A 49 -10.42 1.48 -5.64
N SER A 50 -10.56 0.92 -6.84
CA SER A 50 -11.33 1.61 -7.92
C SER A 50 -12.84 1.38 -7.86
N LEU A 51 -13.29 0.46 -7.00
CA LEU A 51 -14.70 0.07 -6.91
C LEU A 51 -15.61 1.21 -6.43
N GLU A 52 -16.87 1.14 -6.86
CA GLU A 52 -17.91 2.04 -6.41
C GLU A 52 -18.25 1.70 -4.96
N ILE A 53 -18.68 2.70 -4.21
CA ILE A 53 -18.95 2.50 -2.79
C ILE A 53 -19.88 1.32 -2.59
N ASP A 54 -20.91 1.22 -3.44
CA ASP A 54 -21.87 0.13 -3.35
C ASP A 54 -21.23 -1.23 -3.50
N ASP A 55 -20.40 -1.35 -4.54
CA ASP A 55 -19.62 -2.57 -4.84
C ASP A 55 -18.62 -2.88 -3.73
N LEU A 56 -17.90 -1.86 -3.28
CA LEU A 56 -17.10 -1.96 -2.09
C LEU A 56 -17.90 -2.49 -0.86
N LYS A 57 -19.11 -1.95 -0.62
CA LYS A 57 -19.91 -2.39 0.55
C LYS A 57 -20.37 -3.88 0.48
N LYS A 58 -20.57 -4.39 -0.73
CA LYS A 58 -20.99 -5.77 -0.93
C LYS A 58 -19.91 -6.71 -0.41
N ILE A 59 -18.67 -6.40 -0.79
CA ILE A 59 -17.47 -7.15 -0.37
C ILE A 59 -17.32 -7.09 1.16
N THR A 60 -17.43 -5.92 1.75
CA THR A 60 -17.30 -5.88 3.21
C THR A 60 -18.41 -6.65 3.92
N ASN A 61 -19.64 -6.55 3.42
CA ASN A 61 -20.75 -7.27 4.03
C ASN A 61 -20.50 -8.79 3.93
N SER A 62 -20.07 -9.25 2.77
CA SER A 62 -19.76 -10.68 2.59
C SER A 62 -18.70 -11.15 3.58
N LEU A 63 -17.62 -10.35 3.80
CA LEU A 63 -16.60 -10.73 4.77
C LEU A 63 -17.14 -10.71 6.18
N THR A 64 -18.07 -9.79 6.45
CA THR A 64 -18.69 -9.77 7.75
C THR A 64 -19.62 -11.01 7.95
N VAL A 65 -20.38 -11.36 6.93
CA VAL A 65 -21.14 -12.65 6.91
C VAL A 65 -20.19 -13.84 7.15
N LEU A 66 -19.07 -13.86 6.44
CA LEU A 66 -18.06 -14.90 6.60
C LEU A 66 -17.56 -14.95 8.02
N CYS A 67 -17.32 -13.78 8.58
CA CYS A 67 -16.83 -13.67 9.94
C CYS A 67 -17.87 -14.17 10.95
N SER A 68 -19.14 -13.85 10.70
CA SER A 68 -20.24 -14.37 11.52
C SER A 68 -20.29 -15.91 11.48
N GLU A 69 -20.25 -16.50 10.27
CA GLU A 69 -20.26 -17.96 10.12
C GLU A 69 -19.12 -18.61 10.91
N LYS A 70 -17.92 -18.03 10.79
CA LYS A 70 -16.75 -18.48 11.58
C LYS A 70 -16.94 -18.39 13.09
N GLN A 71 -17.59 -17.33 13.56
CA GLN A 71 -17.91 -17.19 14.99
C GLN A 71 -18.94 -18.24 15.41
N LYS A 72 -19.85 -18.56 14.49
CA LYS A 72 -20.84 -19.62 14.70
C LYS A 72 -20.18 -21.01 14.73
N GLN A 73 -19.18 -21.22 13.86
CA GLN A 73 -18.47 -22.51 13.83
C GLN A 73 -17.66 -22.75 15.10
N ALA B 1 -13.69 14.65 -9.41
CA ALA B 1 -12.36 14.08 -9.07
C ALA B 1 -12.41 12.57 -8.89
N VAL B 2 -11.28 11.91 -9.14
CA VAL B 2 -11.10 10.50 -8.79
C VAL B 2 -10.44 10.42 -7.40
N TYR B 3 -10.82 9.40 -6.64
CA TYR B 3 -10.26 9.17 -5.30
C TYR B 3 -8.73 9.09 -5.37
N GLY B 4 -8.07 9.85 -4.52
CA GLY B 4 -6.63 9.87 -4.55
C GLY B 4 -5.97 10.77 -3.52
N ILE B 5 -4.70 11.01 -3.76
CA ILE B 5 -3.85 11.81 -2.88
C ILE B 5 -4.18 13.32 -2.96
N ASP B 6 -4.35 13.84 -4.17
CA ASP B 6 -4.52 15.30 -4.36
C ASP B 6 -5.63 15.88 -3.48
N ALA B 7 -6.80 15.24 -3.53
CA ALA B 7 -7.98 15.70 -2.80
C ALA B 7 -8.08 15.19 -1.37
N MET B 8 -7.09 14.40 -0.89
CA MET B 8 -7.11 13.91 0.53
C MET B 8 -7.10 15.09 1.49
N ASN B 9 -7.96 15.03 2.49
CA ASN B 9 -8.04 16.02 3.55
C ASN B 9 -8.11 15.34 4.92
N PRO B 10 -6.97 14.75 5.34
CA PRO B 10 -6.89 13.92 6.52
C PRO B 10 -6.89 14.69 7.86
N SER B 11 -7.68 14.19 8.82
CA SER B 11 -7.62 14.68 10.20
C SER B 11 -7.63 13.54 11.23
N SER B 12 -8.37 12.48 10.98
CA SER B 12 -8.47 11.38 11.95
C SER B 12 -7.32 10.42 11.79
N ARG B 13 -7.15 9.57 12.78
CA ARG B 13 -6.16 8.51 12.71
C ARG B 13 -6.35 7.63 11.48
N ASP B 14 -7.59 7.22 11.24
CA ASP B 14 -7.89 6.42 10.05
C ASP B 14 -7.60 7.14 8.75
N ASP B 15 -7.84 8.45 8.73
CA ASP B 15 -7.58 9.28 7.56
C ASP B 15 -6.09 9.20 7.21
N PHE B 16 -5.24 9.34 8.24
CA PHE B 16 -3.78 9.32 8.04
C PHE B 16 -3.26 7.94 7.67
N THR B 17 -3.87 6.89 8.20
CA THR B 17 -3.56 5.55 7.79
C THR B 17 -3.81 5.35 6.28
N GLU B 18 -5.01 5.72 5.82
CA GLU B 18 -5.33 5.57 4.38
C GLU B 18 -4.46 6.48 3.49
N PHE B 19 -4.27 7.72 3.91
CA PHE B 19 -3.37 8.68 3.23
C PHE B 19 -1.97 8.09 3.09
N GLY B 20 -1.46 7.47 4.16
CA GLY B 20 -0.16 6.80 4.08
C GLY B 20 -0.09 5.66 3.10
N LYS B 21 -1.17 4.91 2.99
CA LYS B 21 -1.25 3.77 2.03
C LYS B 21 -1.25 4.27 0.61
N LEU B 22 -2.07 5.29 0.36
CA LEU B 22 -2.09 5.92 -0.99
C LEU B 22 -0.71 6.47 -1.42
N LEU B 23 -0.03 7.13 -0.50
CA LEU B 23 1.29 7.68 -0.77
C LEU B 23 2.30 6.58 -1.03
N LYS B 24 2.27 5.55 -0.21
CA LYS B 24 3.12 4.34 -0.39
C LYS B 24 2.92 3.77 -1.78
N ASP B 25 1.66 3.57 -2.17
CA ASP B 25 1.33 2.96 -3.50
C ASP B 25 1.87 3.80 -4.66
N LYS B 26 1.72 5.12 -4.57
CA LYS B 26 2.15 6.01 -5.61
C LYS B 26 3.67 6.07 -5.70
N ILE B 27 4.33 6.25 -4.55
CA ILE B 27 5.77 6.40 -4.50
C ILE B 27 6.51 5.14 -4.90
N THR B 28 6.11 4.02 -4.35
CA THR B 28 6.85 2.76 -4.58
C THR B 28 6.73 2.30 -6.04
N GLN B 29 5.86 2.95 -6.82
CA GLN B 29 5.79 2.68 -8.29
C GLN B 29 7.11 2.95 -8.99
N TYR B 30 7.92 3.84 -8.41
CA TYR B 30 9.14 4.30 -9.06
C TYR B 30 10.38 3.69 -8.43
N GLU B 31 10.20 2.63 -7.66
CA GLU B 31 11.30 2.06 -6.89
C GLU B 31 12.46 1.51 -7.76
N LYS B 32 12.20 1.16 -9.00
CA LYS B 32 13.26 0.65 -9.89
C LYS B 32 13.99 1.80 -10.66
N SER B 33 13.62 3.06 -10.43
CA SER B 33 14.21 4.16 -11.19
C SER B 33 15.61 4.41 -10.70
N LEU B 34 16.56 4.64 -11.60
CA LEU B 34 17.91 5.08 -11.22
C LEU B 34 17.90 6.21 -10.14
N TYR B 35 16.85 7.04 -10.13
CA TYR B 35 16.84 8.28 -9.29
C TYR B 35 16.06 8.13 -7.98
N TYR B 36 15.56 6.94 -7.72
CA TYR B 36 14.59 6.67 -6.61
C TYR B 36 15.18 6.97 -5.23
N ALA B 37 16.39 6.46 -4.97
CA ALA B 37 17.03 6.66 -3.65
C ALA B 37 17.45 8.14 -3.43
N SER B 38 17.94 8.78 -4.47
CA SER B 38 18.29 10.19 -4.39
C SER B 38 17.05 11.05 -4.13
N PHE B 39 15.98 10.75 -4.86
CA PHE B 39 14.65 11.34 -4.65
C PHE B 39 14.14 11.14 -3.23
N LEU B 40 14.27 9.93 -2.68
CA LEU B 40 13.82 9.69 -1.30
C LEU B 40 14.62 10.44 -0.28
N GLU B 41 15.93 10.51 -0.49
CA GLU B 41 16.82 11.19 0.47
C GLU B 41 16.36 12.64 0.65
N VAL B 42 16.04 13.32 -0.45
CA VAL B 42 15.55 14.72 -0.38
C VAL B 42 14.15 14.74 0.23
N LEU B 43 13.30 13.82 -0.21
CA LEU B 43 11.90 13.77 0.30
C LEU B 43 11.82 13.55 1.81
N VAL B 44 12.57 12.57 2.28
CA VAL B 44 12.55 12.18 3.68
C VAL B 44 13.06 13.33 4.53
N ARG B 45 14.17 13.94 4.10
CA ARG B 45 14.66 15.15 4.74
C ARG B 45 13.56 16.20 4.85
N ASP B 46 12.93 16.50 3.71
CA ASP B 46 11.95 17.57 3.63
C ASP B 46 10.75 17.32 4.58
N VAL B 47 10.18 16.13 4.57
CA VAL B 47 8.93 15.91 5.35
C VAL B 47 9.21 15.78 6.87
N CYS B 48 10.45 15.42 7.21
CA CYS B 48 10.85 15.24 8.61
C CYS B 48 11.34 16.50 9.31
N ILE B 49 11.51 17.59 8.56
CA ILE B 49 12.14 18.77 9.06
C ILE B 49 11.52 19.35 10.37
N SER B 50 10.20 19.26 10.52
CA SER B 50 9.50 19.82 11.69
C SER B 50 9.50 18.87 12.91
N LEU B 51 9.91 17.61 12.73
CA LEU B 51 9.73 16.65 13.82
C LEU B 51 10.58 17.03 15.05
N GLU B 52 10.08 16.69 16.24
CA GLU B 52 10.85 16.83 17.49
C GLU B 52 11.90 15.73 17.47
N ILE B 53 13.02 15.92 18.15
CA ILE B 53 14.14 14.96 18.14
C ILE B 53 13.69 13.50 18.45
N ASP B 54 12.84 13.33 19.46
CA ASP B 54 12.30 11.97 19.83
C ASP B 54 11.66 11.22 18.66
N ASP B 55 10.88 11.96 17.87
CA ASP B 55 10.21 11.41 16.71
C ASP B 55 11.15 11.16 15.54
N LEU B 56 12.06 12.08 15.32
CA LEU B 56 13.09 11.93 14.30
C LEU B 56 14.01 10.72 14.67
N LYS B 57 14.30 10.56 15.95
CA LYS B 57 15.06 9.39 16.44
C LYS B 57 14.35 8.07 16.16
N LYS B 58 13.03 8.05 16.42
CA LYS B 58 12.21 6.87 16.12
C LYS B 58 12.42 6.45 14.67
N ILE B 59 12.29 7.41 13.77
CA ILE B 59 12.41 7.11 12.34
C ILE B 59 13.82 6.68 12.00
N THR B 60 14.81 7.41 12.51
CA THR B 60 16.20 7.05 12.28
C THR B 60 16.47 5.60 12.70
N ASN B 61 15.94 5.24 13.85
CA ASN B 61 16.14 3.92 14.44
C ASN B 61 15.48 2.81 13.66
N SER B 62 14.30 3.09 13.11
CA SER B 62 13.57 2.09 12.31
C SER B 62 14.35 1.75 11.05
N LEU B 63 15.00 2.77 10.44
CA LEU B 63 15.87 2.56 9.30
C LEU B 63 17.17 1.87 9.70
N THR B 64 17.66 2.18 10.89
CA THR B 64 18.88 1.56 11.40
C THR B 64 18.68 0.03 11.52
N VAL B 65 17.52 -0.36 12.04
CA VAL B 65 17.14 -1.77 12.08
C VAL B 65 17.14 -2.36 10.66
N LEU B 66 16.44 -1.68 9.75
CA LEU B 66 16.33 -2.09 8.35
C LEU B 66 17.72 -2.38 7.74
N CYS B 67 18.68 -1.46 7.94
CA CYS B 67 20.08 -1.67 7.57
C CYS B 67 20.69 -2.95 8.18
N SER B 68 20.47 -3.12 9.48
CA SER B 68 21.04 -4.28 10.20
C SER B 68 20.59 -5.59 9.57
N GLU B 69 19.29 -5.69 9.30
CA GLU B 69 18.72 -6.87 8.65
C GLU B 69 19.32 -7.03 7.26
N LYS B 70 19.43 -5.93 6.52
CA LYS B 70 19.99 -5.96 5.17
C LYS B 70 21.44 -6.45 5.17
N GLN B 71 22.22 -6.02 6.18
CA GLN B 71 23.63 -6.44 6.29
C GLN B 71 23.75 -7.80 6.97
N GLY C 4 5.51 -12.92 -14.37
CA GLY C 4 5.63 -14.36 -13.95
C GLY C 4 4.87 -14.70 -12.69
N ILE C 5 3.54 -14.55 -12.74
CA ILE C 5 2.67 -15.00 -11.65
C ILE C 5 2.61 -16.54 -11.54
N ASP C 6 2.40 -17.24 -12.64
CA ASP C 6 2.16 -18.70 -12.53
C ASP C 6 3.34 -19.48 -11.99
N ALA C 7 4.55 -19.02 -12.30
CA ALA C 7 5.76 -19.71 -11.94
C ALA C 7 6.28 -19.23 -10.60
N MET C 8 5.77 -18.11 -10.09
CA MET C 8 6.29 -17.59 -8.83
C MET C 8 6.03 -18.57 -7.70
N ASN C 9 6.99 -18.74 -6.80
CA ASN C 9 6.78 -19.60 -5.64
C ASN C 9 7.24 -18.92 -4.35
N PRO C 10 6.44 -17.98 -3.83
CA PRO C 10 6.93 -17.13 -2.75
C PRO C 10 7.10 -17.84 -1.41
N SER C 11 8.15 -17.44 -0.68
CA SER C 11 8.46 -17.99 0.62
C SER C 11 8.73 -16.87 1.63
N SER C 12 9.60 -15.93 1.26
CA SER C 12 10.00 -14.86 2.14
C SER C 12 8.97 -13.77 2.12
N ARG C 13 9.04 -12.86 3.09
CA ARG C 13 8.09 -11.72 3.10
C ARG C 13 8.21 -10.86 1.83
N ASP C 14 9.45 -10.65 1.37
CA ASP C 14 9.71 -9.91 0.14
C ASP C 14 9.17 -10.64 -1.09
N ASP C 15 9.27 -11.97 -1.09
CA ASP C 15 8.64 -12.76 -2.14
C ASP C 15 7.14 -12.44 -2.23
N PHE C 16 6.47 -12.37 -1.08
CA PHE C 16 5.04 -12.10 -1.05
C PHE C 16 4.76 -10.64 -1.46
N THR C 17 5.64 -9.71 -1.10
CA THR C 17 5.48 -8.34 -1.58
C THR C 17 5.51 -8.30 -3.15
N GLU C 18 6.45 -9.02 -3.76
CA GLU C 18 6.62 -9.09 -5.23
C GLU C 18 5.44 -9.82 -5.88
N PHE C 19 5.04 -10.92 -5.27
CA PHE C 19 3.87 -11.67 -5.70
C PHE C 19 2.63 -10.77 -5.72
N GLY C 20 2.41 -10.03 -4.62
CA GLY C 20 1.31 -9.06 -4.52
C GLY C 20 1.32 -8.01 -5.61
N LYS C 21 2.49 -7.47 -5.92
CA LYS C 21 2.60 -6.44 -6.96
C LYS C 21 2.21 -6.97 -8.33
N LEU C 22 2.71 -8.16 -8.66
CA LEU C 22 2.36 -8.81 -9.93
C LEU C 22 0.89 -9.02 -10.02
N LEU C 23 0.31 -9.52 -8.93
CA LEU C 23 -1.12 -9.82 -8.88
C LEU C 23 -1.92 -8.55 -9.06
N LYS C 24 -1.55 -7.49 -8.36
CA LYS C 24 -2.26 -6.22 -8.44
C LYS C 24 -2.23 -5.66 -9.86
N ASP C 25 -1.03 -5.65 -10.45
CA ASP C 25 -0.82 -5.08 -11.78
C ASP C 25 -1.66 -5.81 -12.83
N LYS C 26 -1.77 -7.13 -12.71
CA LYS C 26 -2.51 -7.94 -13.65
C LYS C 26 -4.00 -7.71 -13.43
N ILE C 27 -4.47 -7.88 -12.20
CA ILE C 27 -5.91 -7.81 -11.91
C ILE C 27 -6.51 -6.45 -12.17
N THR C 28 -5.82 -5.38 -11.74
CA THR C 28 -6.36 -4.00 -11.94
C THR C 28 -6.41 -3.51 -13.41
N GLN C 29 -5.82 -4.25 -14.32
CA GLN C 29 -5.99 -3.99 -15.72
C GLN C 29 -7.45 -4.07 -16.14
N TYR C 30 -8.25 -4.85 -15.41
CA TYR C 30 -9.65 -5.11 -15.77
C TYR C 30 -10.68 -4.32 -14.98
N GLU C 31 -10.21 -3.30 -14.26
CA GLU C 31 -11.06 -2.45 -13.41
C GLU C 31 -12.36 -1.92 -14.04
N LYS C 32 -12.33 -1.62 -15.34
CA LYS C 32 -13.49 -1.03 -15.99
C LYS C 32 -14.47 -2.06 -16.53
N SER C 33 -14.11 -3.34 -16.48
CA SER C 33 -15.02 -4.37 -16.91
C SER C 33 -16.30 -4.31 -16.11
N LEU C 34 -17.42 -4.55 -16.76
CA LEU C 34 -18.69 -4.56 -16.07
C LEU C 34 -18.76 -5.77 -15.15
N TYR C 35 -17.91 -6.76 -15.38
CA TYR C 35 -17.82 -7.93 -14.47
C TYR C 35 -16.79 -7.81 -13.31
N TYR C 36 -16.03 -6.75 -13.28
CA TYR C 36 -14.95 -6.66 -12.34
C TYR C 36 -15.42 -6.78 -10.86
N ALA C 37 -16.47 -6.05 -10.49
CA ALA C 37 -16.92 -6.01 -9.10
C ALA C 37 -17.40 -7.38 -8.70
N SER C 38 -18.08 -8.06 -9.62
CA SER C 38 -18.63 -9.33 -9.38
C SER C 38 -17.50 -10.37 -9.21
N PHE C 39 -16.51 -10.27 -10.08
CA PHE C 39 -15.30 -11.08 -10.04
C PHE C 39 -14.55 -10.94 -8.70
N LEU C 40 -14.38 -9.71 -8.24
CA LEU C 40 -13.73 -9.42 -6.96
C LEU C 40 -14.52 -9.92 -5.74
N GLU C 41 -15.84 -9.77 -5.76
CA GLU C 41 -16.70 -10.28 -4.69
C GLU C 41 -16.42 -11.79 -4.50
N VAL C 42 -16.31 -12.53 -5.60
CA VAL C 42 -16.02 -13.94 -5.55
C VAL C 42 -14.54 -14.22 -5.14
N LEU C 43 -13.60 -13.50 -5.74
CA LEU C 43 -12.17 -13.75 -5.49
C LEU C 43 -11.83 -13.42 -4.03
N VAL C 44 -12.30 -12.29 -3.55
CA VAL C 44 -11.97 -11.84 -2.17
C VAL C 44 -12.48 -12.86 -1.18
N ARG C 45 -13.75 -13.27 -1.30
CA ARG C 45 -14.27 -14.34 -0.45
C ARG C 45 -13.44 -15.62 -0.57
N ASP C 46 -13.14 -16.02 -1.79
CA ASP C 46 -12.37 -17.24 -2.04
C ASP C 46 -10.99 -17.21 -1.34
N VAL C 47 -10.30 -16.10 -1.39
CA VAL C 47 -8.94 -16.03 -0.80
C VAL C 47 -8.96 -15.90 0.73
N CYS C 48 -10.05 -15.35 1.26
CA CYS C 48 -10.20 -15.04 2.70
C CYS C 48 -10.87 -16.16 3.49
N ILE C 49 -11.40 -17.14 2.80
CA ILE C 49 -12.30 -18.12 3.44
C ILE C 49 -11.61 -18.95 4.55
N SER C 50 -10.29 -19.15 4.44
CA SER C 50 -9.55 -19.96 5.41
C SER C 50 -9.00 -19.15 6.57
N LEU C 51 -9.02 -17.81 6.45
CA LEU C 51 -8.45 -16.94 7.46
C LEU C 51 -9.19 -17.13 8.79
N GLU C 52 -8.48 -16.93 9.89
CA GLU C 52 -9.12 -16.90 11.19
C GLU C 52 -9.67 -15.48 11.37
N ILE C 53 -10.46 -15.31 12.41
CA ILE C 53 -11.27 -14.11 12.65
C ILE C 53 -10.53 -12.79 12.71
N ASP C 54 -9.43 -12.76 13.43
CA ASP C 54 -8.68 -11.53 13.61
C ASP C 54 -7.99 -11.12 12.29
N ASP C 55 -7.60 -12.09 11.48
CA ASP C 55 -7.02 -11.81 10.13
C ASP C 55 -8.10 -11.25 9.25
N LEU C 56 -9.24 -11.93 9.29
CA LEU C 56 -10.39 -11.53 8.55
C LEU C 56 -10.87 -10.12 8.93
N LYS C 57 -10.81 -9.81 10.22
CA LYS C 57 -11.15 -8.49 10.74
C LYS C 57 -10.24 -7.38 10.21
N LYS C 58 -8.94 -7.64 10.08
CA LYS C 58 -8.04 -6.61 9.60
C LYS C 58 -8.33 -6.25 8.15
N ILE C 59 -8.63 -7.24 7.33
CA ILE C 59 -9.00 -7.01 5.93
C ILE C 59 -10.30 -6.24 5.84
N THR C 60 -11.30 -6.69 6.59
CA THR C 60 -12.55 -5.99 6.61
C THR C 60 -12.40 -4.54 7.02
N ASN C 61 -11.59 -4.26 8.05
CA ASN C 61 -11.43 -2.89 8.49
C ASN C 61 -10.74 -1.99 7.44
N SER C 62 -9.79 -2.55 6.71
CA SER C 62 -9.08 -1.80 5.67
C SER C 62 -10.02 -1.37 4.58
N LEU C 63 -11.00 -2.23 4.28
CA LEU C 63 -12.00 -1.94 3.25
C LEU C 63 -13.08 -1.00 3.73
N THR C 64 -13.46 -1.11 5.00
CA THR C 64 -14.44 -0.20 5.56
C THR C 64 -13.87 1.24 5.70
N VAL C 65 -12.59 1.33 6.06
CA VAL C 65 -11.91 2.61 6.07
C VAL C 65 -11.77 3.14 4.64
N LEU C 66 -11.31 2.33 3.71
CA LEU C 66 -11.29 2.76 2.31
C LEU C 66 -12.64 3.30 1.84
N CYS C 67 -13.71 2.56 2.11
CA CYS C 67 -15.04 3.00 1.72
C CYS C 67 -15.38 4.34 2.27
N SER C 68 -15.20 4.51 3.57
CA SER C 68 -15.51 5.77 4.19
C SER C 68 -14.66 6.93 3.63
N GLU C 69 -13.39 6.63 3.28
CA GLU C 69 -12.51 7.66 2.70
C GLU C 69 -12.94 8.00 1.29
N LYS C 70 -13.38 7.02 0.52
CA LYS C 70 -13.99 7.33 -0.79
C LYS C 70 -15.26 8.17 -0.64
N GLN C 71 -16.10 7.85 0.34
CA GLN C 71 -17.32 8.67 0.61
C GLN C 71 -17.00 10.11 0.95
N LYS C 72 -16.01 10.30 1.82
CA LYS C 72 -15.59 11.63 2.25
C LYS C 72 -15.18 12.48 1.04
N GLN C 73 -14.36 11.90 0.16
CA GLN C 73 -13.85 12.65 -1.00
C GLN C 73 -14.95 12.98 -2.02
N GLU C 74 -15.91 12.08 -2.23
CA GLU C 74 -17.05 12.37 -3.12
C GLU C 74 -17.85 13.49 -2.54
N LYS C 75 -18.27 13.32 -1.28
CA LYS C 75 -18.99 14.38 -0.55
C LYS C 75 -18.30 15.75 -0.67
N GLN C 76 -16.97 15.77 -0.48
CA GLN C 76 -16.21 17.00 -0.58
C GLN C 76 -16.11 17.44 -2.04
N GLY D 4 -2.59 15.22 -10.30
CA GLY D 4 -1.58 16.24 -9.79
C GLY D 4 -0.31 15.50 -9.39
N ILE D 5 -0.20 15.18 -8.11
CA ILE D 5 0.61 14.04 -7.65
C ILE D 5 0.04 12.78 -8.27
N ASP D 6 -1.27 12.63 -8.20
CA ASP D 6 -1.94 11.43 -8.74
C ASP D 6 -1.52 11.18 -10.19
N ALA D 7 -1.52 12.24 -10.99
CA ALA D 7 -1.31 12.16 -12.44
C ALA D 7 0.15 12.09 -12.86
N MET D 8 1.06 12.45 -11.96
CA MET D 8 2.46 12.58 -12.32
C MET D 8 3.13 11.24 -12.65
N ASN D 9 3.94 11.24 -13.70
CA ASN D 9 4.65 10.07 -14.15
C ASN D 9 6.13 10.42 -14.33
N PRO D 10 6.87 10.59 -13.23
CA PRO D 10 8.23 11.10 -13.32
C PRO D 10 9.19 10.10 -13.95
N SER D 11 10.13 10.60 -14.75
CA SER D 11 11.14 9.83 -15.51
C SER D 11 12.54 10.40 -15.25
N SER D 12 12.72 11.70 -15.52
CA SER D 12 14.03 12.37 -15.39
C SER D 12 14.35 12.76 -13.95
N ARG D 13 15.60 13.08 -13.64
CA ARG D 13 15.92 13.51 -12.28
C ARG D 13 15.14 14.77 -11.90
N ASP D 14 15.00 15.69 -12.84
CA ASP D 14 14.26 16.91 -12.57
C ASP D 14 12.74 16.61 -12.40
N ASP D 15 12.25 15.61 -13.10
CA ASP D 15 10.86 15.14 -12.94
C ASP D 15 10.63 14.70 -11.48
N PHE D 16 11.62 14.03 -10.90
CA PHE D 16 11.55 13.56 -9.51
C PHE D 16 11.71 14.70 -8.52
N THR D 17 12.62 15.64 -8.77
CA THR D 17 12.69 16.83 -7.96
C THR D 17 11.31 17.49 -7.84
N GLU D 18 10.61 17.59 -8.97
CA GLU D 18 9.26 18.18 -9.02
C GLU D 18 8.19 17.34 -8.28
N PHE D 19 8.23 16.03 -8.52
CA PHE D 19 7.42 15.04 -7.80
C PHE D 19 7.63 15.14 -6.27
N GLY D 20 8.89 15.23 -5.85
CA GLY D 20 9.24 15.44 -4.46
C GLY D 20 8.71 16.74 -3.88
N LYS D 21 8.75 17.81 -4.68
CA LYS D 21 8.25 19.11 -4.28
C LYS D 21 6.76 19.02 -4.05
N LEU D 22 6.04 18.42 -5.00
CA LEU D 22 4.61 18.26 -4.85
C LEU D 22 4.31 17.41 -3.62
N LEU D 23 5.03 16.32 -3.43
CA LEU D 23 4.80 15.45 -2.23
C LEU D 23 5.10 16.18 -0.91
N LYS D 24 6.21 16.92 -0.85
CA LYS D 24 6.55 17.73 0.33
C LYS D 24 5.42 18.71 0.64
N ASP D 25 5.04 19.48 -0.37
CA ASP D 25 4.03 20.51 -0.24
C ASP D 25 2.71 19.96 0.28
N LYS D 26 2.34 18.75 -0.16
CA LYS D 26 1.11 18.14 0.28
C LYS D 26 1.26 17.62 1.71
N ILE D 27 2.33 16.89 1.95
CA ILE D 27 2.51 16.13 3.19
C ILE D 27 2.67 17.08 4.33
N THR D 28 3.51 18.10 4.15
CA THR D 28 3.81 19.03 5.27
C THR D 28 2.67 19.98 5.65
N GLN D 29 1.60 20.00 4.89
CA GLN D 29 0.37 20.65 5.36
C GLN D 29 -0.11 20.11 6.71
N TYR D 30 0.26 18.87 7.04
CA TYR D 30 -0.33 18.19 8.20
C TYR D 30 0.66 18.04 9.37
N GLU D 31 1.73 18.83 9.38
CA GLU D 31 2.77 18.66 10.40
C GLU D 31 2.30 18.86 11.85
N LYS D 32 1.22 19.60 12.06
CA LYS D 32 0.70 19.87 13.43
C LYS D 32 -0.30 18.82 13.92
N SER D 33 -0.69 17.89 13.06
CA SER D 33 -1.52 16.77 13.47
C SER D 33 -0.84 15.90 14.53
N LEU D 34 -1.62 15.45 15.51
CA LEU D 34 -1.15 14.51 16.53
C LEU D 34 -0.57 13.21 15.91
N TYR D 35 -1.08 12.86 14.73
CA TYR D 35 -0.74 11.64 14.06
C TYR D 35 0.42 11.75 13.08
N TYR D 36 0.94 12.96 12.87
CA TYR D 36 1.91 13.17 11.77
C TYR D 36 3.16 12.33 11.99
N ALA D 37 3.68 12.33 13.23
CA ALA D 37 4.92 11.60 13.53
C ALA D 37 4.77 10.10 13.19
N SER D 38 3.68 9.48 13.67
CA SER D 38 3.49 8.03 13.46
C SER D 38 3.22 7.76 11.95
N PHE D 39 2.43 8.63 11.33
CA PHE D 39 2.19 8.58 9.90
C PHE D 39 3.50 8.54 9.09
N LEU D 40 4.44 9.42 9.45
CA LEU D 40 5.74 9.46 8.77
C LEU D 40 6.60 8.26 9.08
N GLU D 41 6.57 7.79 10.32
CA GLU D 41 7.27 6.57 10.77
C GLU D 41 6.87 5.42 9.86
N VAL D 42 5.55 5.27 9.63
CA VAL D 42 5.05 4.25 8.72
C VAL D 42 5.44 4.46 7.27
N LEU D 43 5.21 5.66 6.78
CA LEU D 43 5.50 6.03 5.39
C LEU D 43 6.97 5.88 5.04
N VAL D 44 7.84 6.41 5.88
CA VAL D 44 9.29 6.35 5.59
C VAL D 44 9.75 4.92 5.54
N ARG D 45 9.32 4.09 6.48
CA ARG D 45 9.66 2.68 6.45
C ARG D 45 9.11 1.98 5.20
N ASP D 46 7.86 2.30 4.85
CA ASP D 46 7.18 1.72 3.70
C ASP D 46 7.95 1.98 2.40
N VAL D 47 8.40 3.21 2.20
CA VAL D 47 8.99 3.57 0.93
C VAL D 47 10.47 3.10 0.83
N CYS D 48 11.12 2.86 1.97
CA CYS D 48 12.52 2.40 2.02
C CYS D 48 12.74 0.90 2.05
N ILE D 49 11.69 0.10 2.17
CA ILE D 49 11.93 -1.34 2.39
C ILE D 49 12.61 -2.04 1.20
N SER D 50 12.44 -1.48 -0.01
CA SER D 50 13.01 -2.08 -1.26
C SER D 50 14.50 -1.79 -1.44
N LEU D 51 15.02 -0.81 -0.71
CA LEU D 51 16.36 -0.33 -0.94
C LEU D 51 17.40 -1.39 -0.54
N GLU D 52 18.43 -1.51 -1.37
CA GLU D 52 19.63 -2.26 -1.01
C GLU D 52 20.45 -1.38 -0.05
N ILE D 53 21.44 -1.99 0.59
CA ILE D 53 22.14 -1.39 1.74
C ILE D 53 22.84 -0.08 1.47
N ASP D 54 23.55 0.01 0.33
CA ASP D 54 24.22 1.26 -0.01
C ASP D 54 23.16 2.39 0.00
N ASP D 55 22.06 2.18 -0.73
CA ASP D 55 21.01 3.18 -0.80
C ASP D 55 20.34 3.37 0.55
N LEU D 56 20.16 2.28 1.29
CA LEU D 56 19.49 2.38 2.61
C LEU D 56 20.30 3.17 3.62
N LYS D 57 21.64 2.95 3.61
CA LYS D 57 22.55 3.61 4.54
C LYS D 57 22.72 5.09 4.22
N LYS D 58 22.64 5.41 2.93
CA LYS D 58 22.64 6.81 2.50
C LYS D 58 21.55 7.58 3.21
N ILE D 59 20.31 7.09 3.09
CA ILE D 59 19.17 7.77 3.70
C ILE D 59 19.24 7.70 5.22
N THR D 60 19.61 6.51 5.74
CA THR D 60 19.75 6.29 7.19
C THR D 60 20.77 7.25 7.78
N ASN D 61 21.95 7.32 7.14
CA ASN D 61 23.02 8.20 7.58
C ASN D 61 22.63 9.69 7.51
N SER D 62 21.93 10.07 6.45
CA SER D 62 21.42 11.43 6.32
C SER D 62 20.48 11.76 7.49
N LEU D 63 19.62 10.79 7.85
CA LEU D 63 18.67 11.01 8.96
C LEU D 63 19.42 11.19 10.29
N THR D 64 20.46 10.38 10.50
CA THR D 64 21.31 10.50 11.68
C THR D 64 22.06 11.86 11.74
N VAL D 65 22.37 12.44 10.58
CA VAL D 65 22.95 13.80 10.52
C VAL D 65 21.87 14.84 10.77
N LEU D 66 20.63 14.53 10.38
CA LEU D 66 19.48 15.40 10.73
C LEU D 66 19.32 15.48 12.26
N CYS D 67 19.40 14.34 12.93
N CYS D 67 19.37 14.31 12.91
CA CYS D 67 19.32 14.31 14.40
CA CYS D 67 19.36 14.20 14.38
C CYS D 67 20.54 14.97 15.04
C CYS D 67 20.53 14.97 15.00
N SER D 68 21.73 14.70 14.51
CA SER D 68 22.96 15.35 15.00
C SER D 68 22.84 16.89 14.98
N GLU D 69 22.42 17.44 13.84
CA GLU D 69 22.22 18.88 13.70
C GLU D 69 21.10 19.38 14.61
N LYS D 70 19.99 18.66 14.65
CA LYS D 70 18.82 19.05 15.44
C LYS D 70 19.16 19.19 16.92
N GLN D 71 19.93 18.23 17.45
CA GLN D 71 20.37 18.24 18.85
C GLN D 71 21.24 19.47 19.20
N LYS D 72 22.02 19.93 18.22
CA LYS D 72 22.89 21.10 18.40
C LYS D 72 22.09 22.40 18.36
#